data_7BXW
#
_entry.id   7BXW
#
_cell.length_a   51.479
_cell.length_b   69.564
_cell.length_c   54.59
_cell.angle_alpha   90.0
_cell.angle_beta   114.705
_cell.angle_gamma   90.0
#
_symmetry.space_group_name_H-M   'P 1 21 1'
#
loop_
_entity.id
_entity.type
_entity.pdbx_description
1 polymer 'Histone acetyltransferase RTT109'
2 non-polymer ACETAMIDE
3 water water
#
_entity_poly.entity_id   1
_entity_poly.type   'polypeptide(L)'
_entity_poly.pdbx_seq_one_letter_code
;(MSE)LPPDILQNGEFETIYFQTNPTYIKSPIHIPKSTIGKPDTVKIRHFFALLHQDLVVLGLEVFVYLQIYSDFVEKYV
YVSKCDTVGLEKSTIKIGKVIGPVLQYIINYNGYKIK(MSE)KNLDEKSKDLSDPSTLVRLQRLRDKLPDIYPNLPYYND
IPPKEECIEYRTLPKTQNLRLCVFTKPAKEYLFPNSAKNPYKNLLNGQSLLRAWISIIDSITKGWNNHKL(MSE)IPGAD
KYATRKFIEKYSDWSEGHIFKKDGLAVQAIPLFPDDP(ALY)GRFLELVIVECRYGK(MSE)TVSRFYQELAYRQEFLLG
DCVSLIGCCKENLEVTYHDDLVSTVTISEYKEF(MSE)NLLKLVDFSDRVEVSNFVSNYRKSK
;
_entity_poly.pdbx_strand_id   A
#
loop_
_chem_comp.id
_chem_comp.type
_chem_comp.name
_chem_comp.formula
ACM non-polymer ACETAMIDE 'C2 H5 N O'
#
# COMPACT_ATOMS: atom_id res chain seq x y z
N MSE A 1 15.28 5.07 -8.73
CA MSE A 1 14.14 4.20 -8.30
C MSE A 1 14.41 2.70 -8.52
O MSE A 1 13.94 1.88 -7.73
CB MSE A 1 12.89 4.62 -9.05
CG MSE A 1 11.65 3.88 -8.63
SE MSE A 1 10.10 4.84 -9.26
CE MSE A 1 10.16 4.40 -11.14
H1 MSE A 1 15.12 5.91 -8.49
H2 MSE A 1 16.03 4.79 -8.33
H3 MSE A 1 15.38 5.02 -9.61
HA MSE A 1 13.99 4.36 -7.35
HB2 MSE A 1 12.74 5.57 -8.89
HB3 MSE A 1 13.02 4.46 -9.99
HG2 MSE A 1 11.66 3.00 -9.01
HG3 MSE A 1 11.62 3.84 -7.65
HE1 MSE A 1 9.41 4.82 -11.59
HE2 MSE A 1 10.99 4.71 -11.52
HE3 MSE A 1 10.10 3.43 -11.24
N LEU A 2 15.13 2.36 -9.58
CA LEU A 2 15.60 0.99 -9.79
C LEU A 2 17.07 0.96 -10.25
N PRO A 3 17.83 -0.04 -9.80
CA PRO A 3 19.26 -0.13 -10.12
C PRO A 3 19.52 -0.59 -11.57
N PRO A 4 20.71 -0.26 -12.14
CA PRO A 4 21.04 -0.51 -13.56
C PRO A 4 20.95 -1.98 -13.93
N ASP A 5 21.25 -2.86 -12.99
CA ASP A 5 21.27 -4.27 -13.30
C ASP A 5 19.88 -4.82 -13.56
N ILE A 6 18.85 -4.04 -13.20
CA ILE A 6 17.48 -4.44 -13.50
C ILE A 6 16.98 -3.82 -14.79
N LEU A 7 17.13 -2.50 -14.93
CA LEU A 7 16.62 -1.81 -16.12
C LEU A 7 17.45 -2.18 -17.35
N GLN A 8 18.77 -2.30 -17.14
CA GLN A 8 19.68 -2.75 -18.20
C GLN A 8 19.59 -1.88 -19.45
N ASN A 9 19.78 -0.59 -19.24
CA ASN A 9 19.82 0.40 -20.31
C ASN A 9 18.71 0.25 -21.36
N GLY A 10 17.50 -0.08 -20.92
CA GLY A 10 16.33 -0.02 -21.80
C GLY A 10 15.74 -1.35 -22.23
N GLU A 11 16.37 -2.43 -21.80
CA GLU A 11 15.78 -3.76 -21.94
C GLU A 11 14.42 -3.77 -21.19
N PHE A 12 14.42 -3.20 -19.99
CA PHE A 12 13.21 -3.02 -19.21
C PHE A 12 12.88 -1.52 -19.14
N GLU A 13 11.60 -1.18 -19.04
CA GLU A 13 11.14 0.21 -19.00
C GLU A 13 10.14 0.29 -17.83
N THR A 14 9.91 1.50 -17.33
CA THR A 14 8.95 1.72 -16.25
C THR A 14 7.82 2.63 -16.69
N ILE A 15 6.65 2.34 -16.16
CA ILE A 15 5.55 3.28 -16.08
C ILE A 15 5.49 3.75 -14.61
N TYR A 16 5.49 5.05 -14.39
CA TYR A 16 5.39 5.59 -13.03
C TYR A 16 4.73 6.97 -13.07
N PHE A 17 3.65 7.09 -12.34
CA PHE A 17 3.07 8.40 -12.15
C PHE A 17 2.30 8.56 -10.84
N GLN A 18 2.13 9.82 -10.45
CA GLN A 18 1.38 10.21 -9.27
C GLN A 18 0.18 11.03 -9.62
N THR A 19 -0.84 10.97 -8.79
CA THR A 19 -1.84 12.02 -8.88
C THR A 19 -1.33 13.33 -8.29
N ASN A 20 -1.89 14.43 -8.80
CA ASN A 20 -1.70 15.69 -8.12
C ASN A 20 -2.17 15.58 -6.68
N PRO A 21 -1.38 16.10 -5.73
CA PRO A 21 -1.83 15.96 -4.35
C PRO A 21 -3.16 16.64 -4.07
N THR A 22 -4.02 15.88 -3.44
CA THR A 22 -5.42 16.29 -3.27
C THR A 22 -5.87 16.19 -1.81
N TYR A 23 -6.40 17.28 -1.27
CA TYR A 23 -7.02 17.25 0.05
C TYR A 23 -8.23 16.36 0.12
N ILE A 24 -8.30 15.59 1.19
CA ILE A 24 -9.41 14.67 1.43
C ILE A 24 -9.79 14.73 2.89
N LYS A 25 -10.93 14.16 3.25
CA LYS A 25 -11.26 14.06 4.66
C LYS A 25 -10.38 12.99 5.28
N SER A 26 -10.02 13.17 6.55
CA SER A 26 -9.19 12.20 7.24
C SER A 26 -9.71 10.73 7.15
N PRO A 27 -8.80 9.79 6.82
CA PRO A 27 -9.21 8.38 6.79
C PRO A 27 -9.40 7.79 8.20
N ILE A 28 -8.88 8.51 9.18
CA ILE A 28 -9.15 8.25 10.58
C ILE A 28 -10.12 9.28 11.14
N HIS A 29 -11.22 8.83 11.73
CA HIS A 29 -12.20 9.79 12.24
C HIS A 29 -11.59 10.68 13.32
N ILE A 30 -11.70 11.98 13.09
CA ILE A 30 -11.22 12.98 14.01
C ILE A 30 -12.46 13.74 14.46
N PRO A 31 -12.79 13.64 15.75
CA PRO A 31 -13.98 14.38 16.19
C PRO A 31 -13.82 15.88 15.92
N LYS A 32 -14.87 16.56 15.47
CA LYS A 32 -14.80 18.01 15.31
C LYS A 32 -14.47 18.68 16.65
N SER A 33 -14.61 17.91 17.73
CA SER A 33 -14.19 18.32 19.06
C SER A 33 -12.67 18.47 19.22
N THR A 34 -11.89 17.89 18.32
CA THR A 34 -10.44 17.81 18.52
C THR A 34 -9.76 19.15 18.28
N ILE A 35 -8.68 19.38 19.00
CA ILE A 35 -7.94 20.64 18.92
C ILE A 35 -6.74 20.50 17.99
N GLY A 36 -6.57 21.47 17.08
CA GLY A 36 -5.52 21.42 16.08
C GLY A 36 -5.67 20.24 15.13
N LYS A 37 -6.81 20.15 14.46
CA LYS A 37 -7.07 19.04 13.54
C LYS A 37 -6.16 19.09 12.34
N PRO A 38 -5.77 17.93 11.82
CA PRO A 38 -4.86 17.99 10.66
C PRO A 38 -5.62 18.15 9.36
N ASP A 39 -4.94 18.66 8.35
CA ASP A 39 -5.40 18.56 6.95
C ASP A 39 -4.86 17.25 6.37
N THR A 40 -5.62 16.59 5.51
CA THR A 40 -5.17 15.32 4.96
C THR A 40 -5.00 15.49 3.48
N VAL A 41 -3.81 15.15 2.97
CA VAL A 41 -3.51 15.18 1.56
C VAL A 41 -3.19 13.76 1.07
N LYS A 42 -3.87 13.33 0.00
CA LYS A 42 -3.67 12.01 -0.57
C LYS A 42 -3.03 12.09 -1.94
N ILE A 43 -2.03 11.24 -2.14
CA ILE A 43 -1.39 11.01 -3.44
C ILE A 43 -1.46 9.55 -3.83
N ARG A 44 -1.93 9.27 -5.03
CA ARG A 44 -1.90 7.92 -5.59
C ARG A 44 -0.64 7.72 -6.43
N HIS A 45 0.02 6.59 -6.25
CA HIS A 45 1.22 6.22 -7.03
C HIS A 45 0.93 4.95 -7.81
N PHE A 46 1.18 4.95 -9.12
CA PHE A 46 1.09 3.73 -9.89
C PHE A 46 2.44 3.46 -10.56
N PHE A 47 2.92 2.23 -10.42
CA PHE A 47 4.19 1.78 -10.98
C PHE A 47 3.94 0.50 -11.78
N ALA A 48 4.49 0.41 -12.98
CA ALA A 48 4.58 -0.87 -13.64
C ALA A 48 5.96 -1.02 -14.24
N LEU A 49 6.41 -2.27 -14.31
CA LEU A 49 7.65 -2.64 -14.98
C LEU A 49 7.30 -3.25 -16.33
N LEU A 50 7.99 -2.84 -17.38
CA LEU A 50 7.72 -3.34 -18.71
C LEU A 50 8.94 -4.04 -19.23
N HIS A 51 8.71 -5.10 -19.99
CA HIS A 51 9.77 -5.75 -20.75
C HIS A 51 9.36 -5.72 -22.22
N GLN A 52 10.08 -4.87 -22.94
CA GLN A 52 9.73 -4.51 -24.30
C GLN A 52 8.28 -4.01 -24.27
N ASP A 53 7.38 -4.69 -24.95
CA ASP A 53 6.01 -4.18 -25.07
C ASP A 53 5.05 -4.84 -24.08
N LEU A 54 5.56 -5.67 -23.19
CA LEU A 54 4.70 -6.37 -22.23
C LEU A 54 4.85 -5.89 -20.80
N VAL A 55 3.73 -5.85 -20.09
CA VAL A 55 3.79 -5.58 -18.64
C VAL A 55 4.27 -6.79 -17.87
N VAL A 56 5.16 -6.58 -16.91
CA VAL A 56 5.74 -7.64 -16.09
C VAL A 56 5.08 -7.62 -14.71
N LEU A 57 4.96 -6.43 -14.15
CA LEU A 57 4.36 -6.34 -12.83
C LEU A 57 3.87 -4.93 -12.55
N GLY A 58 2.97 -4.80 -11.58
CA GLY A 58 2.42 -3.51 -11.21
C GLY A 58 2.32 -3.38 -9.68
N LEU A 59 2.30 -2.14 -9.23
CA LEU A 59 2.26 -1.78 -7.82
C LEU A 59 1.51 -0.48 -7.68
N GLU A 60 0.47 -0.49 -6.86
CA GLU A 60 -0.28 0.74 -6.60
C GLU A 60 -0.17 1.06 -5.12
N VAL A 61 0.21 2.29 -4.82
CA VAL A 61 0.47 2.74 -3.42
C VAL A 61 -0.19 4.08 -3.17
N PHE A 62 -0.89 4.23 -2.03
CA PHE A 62 -1.49 5.52 -1.68
C PHE A 62 -0.77 6.09 -0.49
N VAL A 63 -0.44 7.36 -0.56
CA VAL A 63 0.24 8.07 0.53
C VAL A 63 -0.74 9.12 1.08
N TYR A 64 -0.86 9.13 2.40
CA TYR A 64 -1.73 10.05 3.12
C TYR A 64 -0.87 10.86 4.04
N LEU A 65 -0.93 12.17 3.87
CA LEU A 65 -0.22 13.08 4.76
C LEU A 65 -1.20 13.76 5.69
N GLN A 66 -1.11 13.47 6.99
CA GLN A 66 -1.94 14.12 7.99
C GLN A 66 -1.09 15.29 8.48
N ILE A 67 -1.43 16.51 8.08
CA ILE A 67 -0.51 17.62 8.25
C ILE A 67 -0.91 18.40 9.50
N TYR A 68 -0.05 18.40 10.50
CA TYR A 68 -0.27 19.12 11.75
C TYR A 68 0.64 20.38 11.71
N SER A 69 0.53 21.25 12.72
CA SER A 69 1.37 22.45 12.70
C SER A 69 2.86 22.14 12.64
N ASP A 70 3.28 21.13 13.40
CA ASP A 70 4.68 20.83 13.61
C ASP A 70 5.15 19.48 13.14
N PHE A 71 4.25 18.63 12.64
CA PHE A 71 4.70 17.35 12.17
C PHE A 71 3.67 16.81 11.21
N VAL A 72 4.09 15.79 10.50
CA VAL A 72 3.20 15.07 9.58
C VAL A 72 3.09 13.62 10.02
N GLU A 73 1.87 13.08 10.14
CA GLU A 73 1.65 11.62 10.23
C GLU A 73 1.47 11.14 8.80
N LYS A 74 2.44 10.39 8.29
CA LYS A 74 2.49 9.96 6.89
C LYS A 74 2.18 8.47 6.79
N TYR A 75 1.02 8.15 6.18
CA TYR A 75 0.62 6.76 6.01
C TYR A 75 0.90 6.35 4.60
N VAL A 76 1.52 5.19 4.46
CA VAL A 76 1.83 4.64 3.17
C VAL A 76 1.12 3.33 3.12
N TYR A 77 0.18 3.25 2.16
CA TYR A 77 -0.72 2.11 2.04
C TYR A 77 -0.52 1.40 0.74
N VAL A 78 -0.12 0.14 0.81
CA VAL A 78 -0.01 -0.64 -0.41
C VAL A 78 -1.39 -1.14 -0.80
N SER A 79 -1.86 -0.66 -1.94
CA SER A 79 -3.19 -0.91 -2.43
C SER A 79 -3.21 -2.26 -3.16
N LYS A 80 -2.34 -2.42 -4.15
CA LYS A 80 -2.34 -3.61 -5.00
C LYS A 80 -0.94 -3.91 -5.51
N CYS A 81 -0.66 -5.18 -5.71
CA CYS A 81 0.59 -5.60 -6.33
C CYS A 81 0.25 -6.84 -7.11
N ASP A 82 0.80 -6.98 -8.31
CA ASP A 82 0.44 -8.12 -9.16
C ASP A 82 1.50 -8.35 -10.21
N THR A 83 1.43 -9.52 -10.86
CA THR A 83 2.37 -9.87 -11.92
C THR A 83 1.54 -10.41 -13.06
N VAL A 84 2.15 -10.44 -14.25
CA VAL A 84 1.45 -10.81 -15.45
C VAL A 84 1.76 -12.27 -15.82
N GLY A 85 3.05 -12.55 -15.95
CA GLY A 85 3.52 -13.90 -16.17
C GLY A 85 3.39 -14.42 -17.60
N LEU A 86 3.43 -13.51 -18.59
CA LEU A 86 3.38 -13.93 -20.00
C LEU A 86 4.74 -14.43 -20.47
N GLU A 87 5.79 -13.98 -19.81
CA GLU A 87 7.13 -14.40 -20.14
C GLU A 87 7.78 -15.01 -18.93
N LYS A 88 8.76 -15.87 -19.17
CA LYS A 88 9.47 -16.53 -18.11
C LYS A 88 10.19 -15.46 -17.30
N SER A 89 10.10 -15.57 -15.98
CA SER A 89 10.52 -14.48 -15.12
C SER A 89 12.04 -14.30 -15.07
N THR A 90 12.47 -13.09 -15.42
CA THR A 90 13.90 -12.77 -15.54
C THR A 90 14.46 -12.25 -14.23
N ILE A 91 13.72 -11.36 -13.56
CA ILE A 91 14.13 -10.76 -12.29
C ILE A 91 13.35 -11.33 -11.10
N LYS A 92 13.94 -11.31 -9.91
CA LYS A 92 13.18 -11.68 -8.72
C LYS A 92 12.30 -10.48 -8.33
N ILE A 93 11.01 -10.74 -8.16
CA ILE A 93 10.01 -9.65 -8.11
C ILE A 93 10.24 -8.78 -6.90
N GLY A 94 10.66 -9.40 -5.81
CA GLY A 94 10.98 -8.68 -4.59
C GLY A 94 12.07 -7.63 -4.75
N LYS A 95 13.00 -7.88 -5.68
CA LYS A 95 14.10 -6.96 -5.98
C LYS A 95 13.64 -5.73 -6.72
N VAL A 96 12.41 -5.76 -7.21
CA VAL A 96 11.83 -4.61 -7.88
C VAL A 96 10.87 -3.92 -6.92
N ILE A 97 10.00 -4.70 -6.29
CA ILE A 97 8.97 -4.18 -5.39
C ILE A 97 9.59 -3.45 -4.21
N GLY A 98 10.61 -4.02 -3.56
CA GLY A 98 11.24 -3.36 -2.43
C GLY A 98 11.75 -1.97 -2.72
N PRO A 99 12.61 -1.85 -3.73
CA PRO A 99 13.15 -0.52 -4.01
C PRO A 99 12.09 0.47 -4.45
N VAL A 100 11.13 0.04 -5.27
CA VAL A 100 10.08 0.95 -5.70
C VAL A 100 9.27 1.42 -4.51
N LEU A 101 8.93 0.48 -3.62
CA LEU A 101 8.11 0.81 -2.46
C LEU A 101 8.91 1.73 -1.54
N GLN A 102 10.20 1.45 -1.40
CA GLN A 102 11.07 2.33 -0.59
C GLN A 102 11.16 3.74 -1.18
N TYR A 103 11.29 3.81 -2.49
CA TYR A 103 11.24 5.12 -3.17
C TYR A 103 9.94 5.87 -2.86
N ILE A 104 8.81 5.20 -2.98
CA ILE A 104 7.53 5.85 -2.67
C ILE A 104 7.40 6.30 -1.23
N ILE A 105 7.85 5.46 -0.29
CA ILE A 105 7.84 5.83 1.13
C ILE A 105 8.61 7.12 1.36
N ASN A 106 9.82 7.19 0.81
CA ASN A 106 10.72 8.29 1.09
C ASN A 106 10.52 9.48 0.20
N TYR A 107 9.63 9.36 -0.79
CA TYR A 107 9.36 10.48 -1.67
C TYR A 107 8.79 11.68 -0.94
N ASN A 108 9.38 12.83 -1.21
N ASN A 108 9.43 12.82 -1.14
CA ASN A 108 9.03 14.04 -0.50
CA ASN A 108 9.03 14.06 -0.48
C ASN A 108 9.11 15.29 -1.37
C ASN A 108 9.16 15.28 -1.39
N GLY A 109 8.71 15.13 -2.63
CA GLY A 109 8.67 16.25 -3.56
C GLY A 109 7.26 16.59 -4.03
N TYR A 110 6.28 16.42 -3.15
CA TYR A 110 4.90 16.66 -3.53
C TYR A 110 4.64 18.15 -3.67
N LYS A 111 3.86 18.52 -4.67
CA LYS A 111 3.47 19.91 -4.87
C LYS A 111 2.04 20.15 -4.39
N ILE A 112 1.93 20.52 -3.13
CA ILE A 112 0.68 20.59 -2.40
C ILE A 112 0.18 22.01 -2.37
N LYS A 113 -1.01 22.25 -2.91
CA LYS A 113 -1.54 23.61 -2.90
C LYS A 113 -1.94 24.05 -1.52
N MSE A 114 -2.06 25.35 -1.32
CA MSE A 114 -2.49 25.87 -0.05
C MSE A 114 -3.90 25.46 0.14
O MSE A 114 -4.65 25.32 -0.82
CB MSE A 114 -2.40 27.40 0.00
CG MSE A 114 -1.07 27.95 -0.35
SE MSE A 114 0.23 27.47 0.97
CE MSE A 114 -0.58 28.21 2.51
H MSE A 114 -1.89 25.95 -1.92
HA MSE A 114 -1.94 25.50 0.66
HB2 MSE A 114 -3.05 27.77 -0.62
HB3 MSE A 114 -2.61 27.69 0.90
HG2 MSE A 114 -0.79 27.58 -1.21
HG3 MSE A 114 -1.12 28.91 -0.41
HE1 MSE A 114 -0.01 28.04 3.28
HE2 MSE A 114 -0.69 29.17 2.39
HE3 MSE A 114 -1.45 27.79 2.64
N LYS A 115 -4.29 25.24 1.39
CA LYS A 115 -5.67 25.01 1.69
C LYS A 115 -6.47 26.32 1.62
N ASN A 116 -7.62 26.29 0.95
CA ASN A 116 -8.47 27.48 0.88
C ASN A 116 -9.05 27.87 2.22
N GLU A 161 1.99 30.13 -3.05
CA GLU A 161 1.29 29.25 -3.96
C GLU A 161 1.27 27.77 -3.50
N TYR A 162 2.45 27.20 -3.19
CA TYR A 162 2.53 25.82 -2.66
C TYR A 162 2.81 25.79 -1.16
N ARG A 163 2.19 24.82 -0.46
CA ARG A 163 2.34 24.65 0.99
C ARG A 163 3.69 24.08 1.36
N THR A 164 4.26 24.56 2.46
CA THR A 164 5.46 23.94 3.00
C THR A 164 5.09 23.02 4.17
N LEU A 165 5.46 21.75 4.05
CA LEU A 165 5.21 20.77 5.11
C LEU A 165 6.19 20.89 6.26
N PRO A 166 5.73 20.58 7.47
CA PRO A 166 6.67 20.39 8.59
C PRO A 166 7.78 19.39 8.30
N LYS A 167 8.91 19.57 8.97
CA LYS A 167 10.10 18.79 8.66
C LYS A 167 10.07 17.46 9.41
N THR A 168 9.30 17.41 10.47
CA THR A 168 9.22 16.17 11.25
C THR A 168 8.10 15.29 10.71
N GLN A 169 8.44 14.07 10.33
CA GLN A 169 7.46 13.10 9.82
C GLN A 169 7.47 11.81 10.64
N ASN A 170 6.27 11.28 10.94
CA ASN A 170 6.15 9.97 11.58
C ASN A 170 5.54 9.07 10.50
N LEU A 171 6.31 8.05 10.09
CA LEU A 171 5.92 7.16 9.01
C LEU A 171 5.13 5.96 9.52
N ARG A 172 4.13 5.54 8.75
CA ARG A 172 3.35 4.36 9.05
C ARG A 172 3.19 3.67 7.70
N LEU A 173 3.67 2.43 7.62
CA LEU A 173 3.51 1.63 6.43
C LEU A 173 2.50 0.52 6.70
N CYS A 174 1.50 0.41 5.82
CA CYS A 174 0.38 -0.51 6.02
C CYS A 174 0.17 -1.35 4.79
N VAL A 175 0.23 -2.66 4.97
CA VAL A 175 0.13 -3.67 3.91
C VAL A 175 -0.75 -4.80 4.39
N PHE A 176 -1.58 -5.37 3.50
CA PHE A 176 -2.28 -6.58 3.84
C PHE A 176 -1.89 -7.59 2.81
N THR A 177 -1.91 -8.88 3.20
CA THR A 177 -1.59 -9.92 2.26
C THR A 177 -2.81 -10.82 2.18
N LYS A 178 -3.25 -11.07 0.95
CA LYS A 178 -4.43 -11.89 0.75
C LYS A 178 -4.30 -12.51 -0.61
N PRO A 179 -4.21 -13.85 -0.69
CA PRO A 179 -3.76 -14.40 -1.97
C PRO A 179 -4.79 -14.46 -3.15
N ALA A 180 -5.10 -13.33 -3.74
CA ALA A 180 -6.00 -13.30 -4.88
C ALA A 180 -5.25 -13.74 -6.15
N LYS A 181 -5.95 -14.41 -7.06
CA LYS A 181 -5.35 -14.77 -8.34
C LYS A 181 -4.98 -13.56 -9.23
N GLU A 182 -5.77 -12.48 -9.20
CA GLU A 182 -5.57 -11.29 -10.06
C GLU A 182 -5.91 -9.90 -9.52
N TYR A 183 -4.98 -9.25 -8.85
CA TYR A 183 -5.28 -7.95 -8.29
C TYR A 183 -5.39 -6.82 -9.31
N LEU A 184 -4.46 -6.78 -10.24
CA LEU A 184 -4.43 -5.68 -11.22
C LEU A 184 -4.65 -6.12 -12.65
N PHE A 185 -4.31 -7.37 -12.95
CA PHE A 185 -4.18 -7.80 -14.34
C PHE A 185 -5.19 -8.92 -14.65
N PRO A 186 -6.39 -8.54 -15.12
CA PRO A 186 -7.49 -9.47 -15.41
C PRO A 186 -7.06 -10.57 -16.34
N ASN A 187 -7.45 -11.78 -15.96
CA ASN A 187 -7.15 -13.03 -16.66
C ASN A 187 -5.69 -13.40 -16.71
N SER A 188 -4.83 -12.82 -15.87
CA SER A 188 -3.43 -13.23 -15.91
C SER A 188 -3.20 -14.59 -15.21
N ALA A 189 -4.20 -15.07 -14.49
CA ALA A 189 -4.06 -16.24 -13.63
C ALA A 189 -3.76 -17.50 -14.42
N LYS A 190 -4.18 -17.55 -15.67
CA LYS A 190 -3.90 -18.74 -16.44
C LYS A 190 -2.83 -18.46 -17.49
N ASN A 191 -1.94 -17.51 -17.16
CA ASN A 191 -0.69 -17.37 -17.90
C ASN A 191 0.33 -18.39 -17.41
N PRO A 192 1.20 -18.84 -18.32
CA PRO A 192 2.08 -19.99 -18.07
C PRO A 192 3.14 -19.75 -16.99
N TYR A 193 3.58 -18.52 -16.83
CA TYR A 193 4.68 -18.20 -15.93
C TYR A 193 4.24 -17.30 -14.80
N LYS A 194 2.93 -17.25 -14.53
CA LYS A 194 2.48 -16.53 -13.34
C LYS A 194 2.56 -17.48 -12.19
N ASN A 195 3.35 -17.09 -11.21
CA ASN A 195 3.61 -17.91 -10.04
C ASN A 195 2.66 -17.49 -8.96
N LEU A 196 1.66 -18.31 -8.69
CA LEU A 196 0.63 -17.97 -7.71
C LEU A 196 0.95 -18.57 -6.35
N LEU A 197 1.20 -17.69 -5.41
CA LEU A 197 1.57 -18.10 -4.07
C LEU A 197 0.34 -18.39 -3.21
N ASN A 198 0.41 -19.41 -2.35
CA ASN A 198 -0.62 -19.60 -1.33
C ASN A 198 -0.42 -18.51 -0.24
N GLY A 199 -1.36 -18.38 0.68
CA GLY A 199 -1.28 -17.31 1.68
C GLY A 199 -0.06 -17.28 2.54
N GLN A 200 0.42 -18.44 3.02
N GLN A 200 0.43 -18.44 2.98
CA GLN A 200 1.58 -18.44 3.89
CA GLN A 200 1.54 -18.45 3.89
C GLN A 200 2.80 -18.02 3.09
C GLN A 200 2.83 -18.12 3.12
N SER A 201 2.89 -18.48 1.85
CA SER A 201 4.04 -18.15 1.00
C SER A 201 4.03 -16.66 0.63
N LEU A 202 2.84 -16.12 0.38
CA LEU A 202 2.69 -14.70 0.06
C LEU A 202 3.10 -13.83 1.27
N LEU A 203 2.67 -14.27 2.45
CA LEU A 203 3.03 -13.54 3.66
C LEU A 203 4.54 -13.58 3.88
N ARG A 204 5.16 -14.75 3.74
N ARG A 204 5.17 -14.74 3.73
CA ARG A 204 6.59 -14.83 3.97
CA ARG A 204 6.60 -14.82 3.96
C ARG A 204 7.33 -13.89 3.01
C ARG A 204 7.32 -13.84 3.01
N ALA A 205 6.84 -13.77 1.78
CA ALA A 205 7.46 -12.93 0.76
C ALA A 205 7.35 -11.45 1.12
N TRP A 206 6.19 -11.01 1.61
CA TRP A 206 5.99 -9.63 1.97
C TRP A 206 6.73 -9.29 3.27
N ILE A 207 6.83 -10.21 4.21
CA ILE A 207 7.62 -9.90 5.41
C ILE A 207 9.06 -9.63 5.00
N SER A 208 9.56 -10.47 4.10
CA SER A 208 10.92 -10.30 3.60
C SER A 208 11.11 -8.95 2.92
N ILE A 209 10.19 -8.59 2.02
N ILE A 209 10.22 -8.60 1.99
CA ILE A 209 10.29 -7.31 1.31
CA ILE A 209 10.29 -7.28 1.35
C ILE A 209 10.19 -6.12 2.26
C ILE A 209 10.28 -6.16 2.35
N ILE A 210 9.26 -6.16 3.21
CA ILE A 210 9.08 -5.05 4.10
C ILE A 210 10.22 -4.93 5.12
N ASP A 211 10.70 -6.04 5.63
CA ASP A 211 11.81 -5.97 6.53
C ASP A 211 13.01 -5.27 5.89
N SER A 212 13.22 -5.56 4.62
CA SER A 212 14.39 -5.07 3.92
C SER A 212 14.40 -3.55 3.70
N ILE A 213 13.22 -2.91 3.78
CA ILE A 213 13.09 -1.48 3.52
C ILE A 213 12.59 -0.68 4.74
N THR A 214 12.58 -1.33 5.90
CA THR A 214 12.20 -0.69 7.16
C THR A 214 13.25 -0.93 8.22
N LYS A 215 14.50 -1.03 7.78
CA LYS A 215 15.60 -1.18 8.72
C LYS A 215 15.69 -0.01 9.68
N GLY A 216 15.73 -0.31 10.98
CA GLY A 216 15.84 0.74 11.96
C GLY A 216 14.53 1.34 12.41
N TRP A 217 13.42 0.96 11.77
CA TRP A 217 12.16 1.55 12.18
C TRP A 217 11.78 1.14 13.60
N ASN A 218 10.87 1.90 14.21
CA ASN A 218 10.54 1.76 15.62
C ASN A 218 9.74 0.53 15.93
N ASN A 219 8.88 0.11 15.00
CA ASN A 219 8.21 -1.14 15.19
C ASN A 219 7.84 -1.78 13.86
N HIS A 220 7.58 -3.08 13.92
CA HIS A 220 7.19 -3.93 12.79
C HIS A 220 6.17 -4.91 13.34
N LYS A 221 4.90 -4.79 12.95
CA LYS A 221 3.80 -5.53 13.55
C LYS A 221 3.15 -6.47 12.54
N LEU A 222 2.83 -7.69 12.98
CA LEU A 222 2.13 -8.65 12.15
C LEU A 222 0.89 -9.11 12.94
N MSE A 223 -0.25 -9.13 12.28
CA MSE A 223 -1.45 -9.73 12.81
C MSE A 223 -2.05 -10.66 11.76
O MSE A 223 -2.16 -10.29 10.58
CB MSE A 223 -2.48 -8.68 13.18
CG MSE A 223 -3.61 -9.38 13.87
SE MSE A 223 -5.02 -8.22 14.22
CE MSE A 223 -4.10 -7.10 15.53
H MSE A 223 -0.36 -8.78 11.50
HA MSE A 223 -1.23 -10.23 13.62
HB2 MSE A 223 -2.10 -8.03 13.78
HB3 MSE A 223 -2.81 -8.25 12.38
HG2 MSE A 223 -3.95 -10.09 13.32
HG3 MSE A 223 -3.30 -9.73 14.72
HE1 MSE A 223 -4.71 -6.41 15.84
HE2 MSE A 223 -3.83 -7.66 16.28
HE3 MSE A 223 -3.32 -6.70 15.12
N ILE A 224 -2.46 -11.86 12.20
CA ILE A 224 -3.12 -12.82 11.30
C ILE A 224 -4.45 -13.11 11.96
N PRO A 225 -5.48 -12.27 11.70
CA PRO A 225 -6.70 -12.40 12.47
C PRO A 225 -7.26 -13.81 12.43
N GLY A 226 -7.45 -14.33 13.63
CA GLY A 226 -8.04 -15.64 13.81
C GLY A 226 -7.02 -16.71 14.07
N ALA A 227 -5.74 -16.39 13.89
CA ALA A 227 -4.65 -17.33 14.15
C ALA A 227 -4.21 -17.23 15.59
N ASP A 228 -3.74 -18.35 16.14
CA ASP A 228 -3.22 -18.31 17.51
C ASP A 228 -1.84 -17.64 17.52
N LYS A 229 -1.46 -17.16 18.69
CA LYS A 229 -0.18 -16.47 18.91
C LYS A 229 1.01 -17.25 18.36
N TYR A 230 1.01 -18.57 18.59
CA TYR A 230 2.10 -19.45 18.16
C TYR A 230 2.26 -19.49 16.63
N ALA A 231 1.15 -19.51 15.91
CA ALA A 231 1.21 -19.63 14.46
C ALA A 231 1.75 -18.32 13.86
N THR A 232 1.27 -17.20 14.38
CA THR A 232 1.71 -15.88 13.92
C THR A 232 3.18 -15.71 14.23
N ARG A 233 3.61 -16.10 15.43
CA ARG A 233 5.00 -15.90 15.83
C ARG A 233 5.96 -16.64 14.92
N LYS A 234 5.53 -17.76 14.37
CA LYS A 234 6.45 -18.55 13.54
C LYS A 234 6.86 -17.80 12.29
N PHE A 235 6.01 -16.90 11.79
CA PHE A 235 6.37 -16.17 10.59
C PHE A 235 7.47 -15.15 10.84
N ILE A 236 7.64 -14.76 12.09
CA ILE A 236 8.53 -13.64 12.39
C ILE A 236 9.61 -14.08 13.36
N GLU A 237 9.76 -15.38 13.54
CA GLU A 237 10.70 -15.87 14.54
C GLU A 237 12.14 -15.47 14.19
N LYS A 238 12.42 -15.31 12.89
CA LYS A 238 13.77 -14.98 12.40
C LYS A 238 13.91 -13.48 12.13
N TYR A 239 12.90 -12.72 12.52
CA TYR A 239 12.92 -11.27 12.32
C TYR A 239 12.87 -10.60 13.66
N SER A 240 14.04 -10.21 14.16
CA SER A 240 14.18 -9.82 15.58
C SER A 240 13.36 -8.59 15.93
N ASP A 241 13.15 -7.74 14.92
CA ASP A 241 12.46 -6.48 15.13
C ASP A 241 10.94 -6.58 15.01
N TRP A 242 10.40 -7.74 14.66
CA TRP A 242 8.98 -7.87 14.45
C TRP A 242 8.26 -8.42 15.65
N SER A 243 7.03 -7.99 15.85
CA SER A 243 6.21 -8.53 16.92
C SER A 243 4.74 -8.60 16.53
N GLU A 244 3.96 -9.33 17.32
CA GLU A 244 2.54 -9.57 16.99
C GLU A 244 1.71 -8.37 17.39
N GLY A 245 0.73 -7.99 16.57
CA GLY A 245 -0.18 -6.91 16.93
C GLY A 245 -0.40 -5.98 15.76
N HIS A 246 -0.68 -4.72 16.08
CA HIS A 246 -0.89 -3.71 15.03
C HIS A 246 -0.26 -2.44 15.48
N ILE A 247 -0.22 -1.46 14.57
CA ILE A 247 0.47 -0.20 14.87
C ILE A 247 -0.38 0.93 15.40
N PHE A 248 -1.68 0.74 15.51
CA PHE A 248 -2.58 1.86 15.76
C PHE A 248 -2.81 2.06 17.24
N LYS A 249 -3.52 3.13 17.58
CA LYS A 249 -3.89 3.40 18.98
C LYS A 249 -4.62 2.16 19.51
N LYS A 250 -4.32 1.75 20.75
CA LYS A 250 -4.83 0.48 21.24
C LYS A 250 -6.17 0.54 21.97
N ASP A 251 -6.54 1.72 22.43
CA ASP A 251 -7.72 1.90 23.27
C ASP A 251 -8.67 2.87 22.59
N GLY A 252 -9.87 2.98 23.11
CA GLY A 252 -10.83 3.89 22.57
C GLY A 252 -11.54 3.26 21.40
N LEU A 253 -12.27 4.10 20.71
CA LEU A 253 -13.13 3.67 19.63
C LEU A 253 -12.33 3.33 18.41
N ALA A 254 -12.67 2.22 17.75
CA ALA A 254 -11.93 1.76 16.59
C ALA A 254 -11.87 2.82 15.48
N VAL A 255 -12.97 3.51 15.26
N VAL A 255 -12.95 3.53 15.25
CA VAL A 255 -13.04 4.43 14.12
CA VAL A 255 -12.96 4.42 14.09
C VAL A 255 -12.10 5.61 14.33
C VAL A 255 -12.08 5.62 14.33
N GLN A 256 -11.71 5.86 15.58
CA GLN A 256 -10.82 6.96 15.89
C GLN A 256 -9.34 6.54 15.91
N ALA A 257 -9.09 5.26 15.65
CA ALA A 257 -7.74 4.72 15.69
C ALA A 257 -7.25 4.12 14.39
N ILE A 258 -8.16 3.47 13.68
CA ILE A 258 -7.81 2.67 12.51
C ILE A 258 -8.21 3.43 11.25
N PRO A 259 -7.25 3.65 10.35
CA PRO A 259 -7.61 4.25 9.06
C PRO A 259 -8.43 3.32 8.15
N LEU A 260 -9.37 3.92 7.43
CA LEU A 260 -10.22 3.27 6.46
C LEU A 260 -9.62 3.48 5.10
N PHE A 261 -8.92 2.48 4.60
CA PHE A 261 -8.25 2.57 3.32
C PHE A 261 -9.13 1.91 2.27
N PRO A 262 -9.06 2.37 1.02
CA PRO A 262 -9.92 1.74 -0.01
C PRO A 262 -9.53 0.31 -0.35
N ASP A 263 -10.53 -0.57 -0.45
CA ASP A 263 -10.31 -1.93 -0.93
C ASP A 263 -9.35 -2.68 -0.02
N ASP A 264 -9.49 -2.44 1.29
CA ASP A 264 -8.70 -3.07 2.37
C ASP A 264 -9.65 -3.96 3.13
N PRO A 265 -9.26 -5.21 3.40
CA PRO A 265 -10.11 -6.10 4.21
C PRO A 265 -10.47 -5.53 5.56
OH ALY A 266 -3.70 -2.79 8.82
CH ALY A 266 -4.35 -2.63 7.73
CH3 ALY A 266 -3.77 -3.02 6.40
NZ ALY A 266 -5.61 -2.08 7.73
CE ALY A 266 -6.31 -1.68 8.92
CD ALY A 266 -6.93 -2.84 9.70
CG ALY A 266 -8.38 -3.05 9.23
CB ALY A 266 -8.40 -3.64 7.89
CA ALY A 266 -9.78 -4.14 7.40
N ALY A 266 -9.53 -4.80 6.15
C ALY A 266 -10.82 -3.03 7.28
O ALY A 266 -11.79 -2.89 8.04
HZ ALY A 266 -6.09 -1.99 6.86
HE3 ALY A 266 -7.12 -0.95 8.65
HE2 ALY A 266 -5.57 -1.15 9.59
HD3 ALY A 266 -6.90 -2.63 10.80
HD2 ALY A 266 -6.34 -3.78 9.52
HG3 ALY A 266 -8.91 -2.06 9.22
HG2 ALY A 266 -8.93 -3.70 9.96
HB3 ALY A 266 -7.71 -4.53 7.88
HB2 ALY A 266 -7.99 -2.91 7.15
HA ALY A 266 -10.16 -4.92 8.13
H ALY A 266 -8.60 -4.65 5.80
N GLY A 267 -10.61 -2.21 6.25
CA GLY A 267 -11.49 -1.13 5.87
C GLY A 267 -12.90 -1.55 5.57
N ARG A 268 -13.09 -2.71 4.94
CA ARG A 268 -14.44 -3.15 4.65
C ARG A 268 -15.24 -3.36 5.94
N PHE A 269 -14.60 -3.85 7.01
CA PHE A 269 -15.28 -4.07 8.28
C PHE A 269 -15.55 -2.74 8.95
N LEU A 270 -14.58 -1.85 8.85
CA LEU A 270 -14.77 -0.50 9.36
C LEU A 270 -15.94 0.22 8.70
N GLU A 271 -16.04 0.07 7.39
CA GLU A 271 -17.16 0.58 6.61
C GLU A 271 -18.50 0.08 7.15
N LEU A 272 -18.56 -1.20 7.49
CA LEU A 272 -19.79 -1.77 8.02
C LEU A 272 -20.11 -1.16 9.37
N VAL A 273 -19.10 -1.07 10.23
CA VAL A 273 -19.30 -0.46 11.53
C VAL A 273 -19.87 0.95 11.38
N ILE A 274 -19.37 1.70 10.40
CA ILE A 274 -19.81 3.07 10.21
C ILE A 274 -21.22 3.15 9.61
N VAL A 275 -21.51 2.29 8.63
CA VAL A 275 -22.79 2.38 7.94
C VAL A 275 -23.90 1.98 8.90
N GLU A 276 -23.61 1.01 9.77
CA GLU A 276 -24.56 0.64 10.81
C GLU A 276 -24.50 1.55 12.04
N CYS A 277 -23.79 2.66 11.90
CA CYS A 277 -23.71 3.69 12.94
C CYS A 277 -23.37 3.11 14.34
N ARG A 278 -22.52 2.07 14.33
CA ARG A 278 -21.92 1.51 15.54
C ARG A 278 -20.55 2.12 15.85
N TYR A 279 -20.19 3.19 15.15
CA TYR A 279 -18.89 3.82 15.33
C TYR A 279 -18.69 4.30 16.77
N GLY A 280 -19.78 4.55 17.47
CA GLY A 280 -19.72 5.09 18.82
C GLY A 280 -19.57 4.07 19.94
N LYS A 281 -19.53 2.79 19.61
CA LYS A 281 -19.48 1.73 20.63
C LYS A 281 -18.31 0.75 20.42
N MSE A 282 -17.95 0.51 19.17
CA MSE A 282 -16.89 -0.45 18.81
C MSE A 282 -15.48 -0.02 19.23
O MSE A 282 -14.98 0.96 18.69
CB MSE A 282 -16.93 -0.64 17.28
CG MSE A 282 -15.76 -1.34 16.64
SE MSE A 282 -16.22 -3.18 16.25
CE MSE A 282 -15.97 -3.68 17.99
H MSE A 282 -18.32 0.89 18.49
HA MSE A 282 -17.09 -1.31 19.22
HB2 MSE A 282 -17.73 -1.14 17.06
HB3 MSE A 282 -16.99 0.24 16.88
HG2 MSE A 282 -15.52 -0.89 15.80
HG3 MSE A 282 -15.00 -1.33 17.25
HE1 MSE A 282 -16.15 -4.62 18.07
HE2 MSE A 282 -15.05 -3.49 18.24
HE3 MSE A 282 -16.58 -3.17 18.55
N THR A 283 -14.85 -0.75 20.14
CA THR A 283 -13.47 -0.47 20.57
C THR A 283 -12.46 -1.07 19.60
N VAL A 284 -11.23 -0.59 19.69
CA VAL A 284 -10.15 -1.12 18.90
C VAL A 284 -10.00 -2.62 19.17
N SER A 285 -9.94 -3.00 20.44
CA SER A 285 -9.79 -4.40 20.80
C SER A 285 -10.92 -5.27 20.22
N ARG A 286 -12.17 -4.84 20.36
CA ARG A 286 -13.29 -5.64 19.89
C ARG A 286 -13.34 -5.66 18.37
N PHE A 287 -12.88 -4.59 17.73
CA PHE A 287 -12.81 -4.56 16.26
C PHE A 287 -11.91 -5.66 15.73
N TYR A 288 -10.72 -5.78 16.31
CA TYR A 288 -9.76 -6.77 15.83
C TYR A 288 -10.24 -8.16 16.20
N GLN A 289 -10.97 -8.26 17.31
CA GLN A 289 -11.54 -9.55 17.69
C GLN A 289 -12.59 -10.00 16.66
N GLU A 290 -13.49 -9.11 16.30
CA GLU A 290 -14.55 -9.46 15.35
C GLU A 290 -14.06 -9.53 13.94
N LEU A 291 -12.97 -8.83 13.62
CA LEU A 291 -12.42 -8.93 12.28
C LEU A 291 -12.11 -10.37 11.87
N ALA A 292 -11.67 -11.14 12.84
CA ALA A 292 -11.20 -12.50 12.66
C ALA A 292 -12.33 -13.38 12.16
N TYR A 293 -13.56 -13.00 12.45
CA TYR A 293 -14.71 -13.83 12.06
C TYR A 293 -15.39 -13.37 10.77
N ARG A 294 -14.91 -12.30 10.17
N ARG A 294 -14.91 -12.29 10.16
CA ARG A 294 -15.46 -11.89 8.89
CA ARG A 294 -15.50 -11.87 8.89
C ARG A 294 -15.21 -12.98 7.84
C ARG A 294 -15.17 -12.91 7.81
N GLN A 295 -16.07 -13.09 6.85
CA GLN A 295 -15.91 -14.15 5.84
C GLN A 295 -14.52 -14.07 5.15
N GLU A 296 -14.07 -12.86 4.88
CA GLU A 296 -12.83 -12.67 4.15
C GLU A 296 -11.63 -13.23 4.88
N PHE A 297 -11.69 -13.22 6.22
CA PHE A 297 -10.62 -13.75 7.03
C PHE A 297 -10.83 -15.24 7.35
N LEU A 298 -12.00 -15.56 7.85
CA LEU A 298 -12.26 -16.92 8.34
C LEU A 298 -12.29 -17.93 7.19
N LEU A 299 -12.75 -17.50 6.02
CA LEU A 299 -12.77 -18.37 4.86
C LEU A 299 -11.51 -18.19 4.00
N GLY A 300 -10.67 -17.26 4.40
CA GLY A 300 -9.51 -16.89 3.62
C GLY A 300 -8.32 -17.75 3.93
N ASP A 301 -7.22 -17.43 3.24
CA ASP A 301 -6.00 -18.21 3.32
C ASP A 301 -4.88 -17.34 3.89
N CYS A 302 -4.69 -17.44 5.21
CA CYS A 302 -3.64 -16.68 5.89
C CYS A 302 -3.70 -15.18 5.53
N VAL A 303 -4.88 -14.58 5.62
CA VAL A 303 -5.06 -13.15 5.34
C VAL A 303 -4.45 -12.39 6.50
N SER A 304 -3.51 -11.49 6.20
CA SER A 304 -2.66 -10.91 7.24
C SER A 304 -2.54 -9.41 7.10
N LEU A 305 -2.24 -8.76 8.21
CA LEU A 305 -2.12 -7.32 8.30
C LEU A 305 -0.76 -6.95 8.84
N ILE A 306 0.00 -6.16 8.06
CA ILE A 306 1.32 -5.68 8.48
C ILE A 306 1.34 -4.19 8.67
N GLY A 307 2.00 -3.71 9.73
CA GLY A 307 2.20 -2.30 9.89
C GLY A 307 3.56 -2.04 10.49
N CYS A 308 4.27 -1.05 9.95
CA CYS A 308 5.54 -0.59 10.53
C CYS A 308 5.53 0.88 10.73
N CYS A 309 6.23 1.34 11.75
CA CYS A 309 6.29 2.74 12.05
C CYS A 309 7.72 3.24 12.21
N LYS A 310 7.97 4.47 11.80
CA LYS A 310 9.18 5.19 12.18
C LYS A 310 8.83 6.55 12.71
N GLU A 311 9.29 6.86 13.92
CA GLU A 311 8.90 8.09 14.61
C GLU A 311 9.97 9.16 14.47
N ASN A 312 9.51 10.39 14.29
CA ASN A 312 10.36 11.57 14.40
C ASN A 312 11.56 11.57 13.46
N LEU A 313 11.27 11.29 12.20
CA LEU A 313 12.21 11.35 11.13
C LEU A 313 12.29 12.81 10.60
N GLU A 314 13.47 13.42 10.57
CA GLU A 314 13.59 14.77 10.04
C GLU A 314 13.81 14.64 8.56
N VAL A 315 12.96 15.26 7.76
CA VAL A 315 13.04 15.10 6.31
C VAL A 315 13.29 16.46 5.68
N THR A 316 13.89 16.42 4.49
CA THR A 316 14.10 17.62 3.74
C THR A 316 13.23 17.54 2.51
N TYR A 317 12.58 18.64 2.15
N TYR A 317 12.54 18.65 2.24
CA TYR A 317 11.68 18.59 1.01
CA TYR A 317 11.79 18.78 1.01
C TYR A 317 12.45 18.91 -0.28
C TYR A 317 12.76 18.58 -0.13
N HIS A 318 12.31 17.96 -1.21
CA HIS A 318 13.23 17.68 -2.28
C HIS A 318 12.49 17.44 -3.57
N ASP A 319 12.43 18.48 -4.41
CA ASP A 319 11.84 18.35 -5.74
C ASP A 319 12.45 17.17 -6.52
N ASP A 320 11.57 16.38 -7.14
CA ASP A 320 11.98 15.24 -7.94
C ASP A 320 10.93 15.11 -9.00
N LEU A 321 11.24 15.59 -10.19
CA LEU A 321 10.26 15.68 -11.25
C LEU A 321 9.78 14.33 -11.73
N VAL A 322 8.52 14.02 -11.47
CA VAL A 322 7.89 12.80 -11.93
C VAL A 322 6.62 13.18 -12.65
N SER A 323 6.05 12.23 -13.38
CA SER A 323 4.83 12.51 -14.10
C SER A 323 3.69 12.63 -13.10
N THR A 324 2.96 13.74 -13.13
CA THR A 324 1.78 13.89 -12.27
C THR A 324 0.55 14.06 -13.14
N VAL A 325 -0.58 13.54 -12.67
CA VAL A 325 -1.79 13.50 -13.48
C VAL A 325 -3.00 13.87 -12.63
N THR A 326 -4.08 14.31 -13.28
CA THR A 326 -5.33 14.51 -12.54
C THR A 326 -5.91 13.18 -12.06
N ILE A 327 -6.77 13.26 -11.04
N ILE A 327 -6.78 13.22 -11.05
CA ILE A 327 -7.44 12.07 -10.54
CA ILE A 327 -7.41 11.99 -10.59
C ILE A 327 -8.20 11.38 -11.68
C ILE A 327 -8.21 11.35 -11.71
N SER A 328 -8.88 12.18 -12.51
CA SER A 328 -9.61 11.62 -13.65
C SER A 328 -8.71 10.89 -14.61
N GLU A 329 -7.54 11.46 -14.91
CA GLU A 329 -6.59 10.78 -15.80
C GLU A 329 -6.10 9.49 -15.20
N TYR A 330 -5.84 9.50 -13.89
CA TYR A 330 -5.45 8.28 -13.21
C TYR A 330 -6.52 7.21 -13.31
N LYS A 331 -7.75 7.60 -13.01
CA LYS A 331 -8.84 6.65 -12.99
C LYS A 331 -9.09 6.10 -14.39
N GLU A 332 -8.89 6.96 -15.38
CA GLU A 332 -9.06 6.55 -16.77
C GLU A 332 -8.04 5.47 -17.14
N PHE A 333 -6.80 5.62 -16.70
CA PHE A 333 -5.75 4.59 -16.92
C PHE A 333 -6.14 3.29 -16.25
N MSE A 334 -6.58 3.40 -14.99
CA MSE A 334 -6.94 2.20 -14.24
C MSE A 334 -8.14 1.50 -14.88
O MSE A 334 -8.24 0.28 -14.87
CB MSE A 334 -7.27 2.49 -12.79
CG MSE A 334 -6.17 3.15 -12.01
SE MSE A 334 -4.51 2.11 -12.03
CE MSE A 334 -4.94 0.64 -10.78
H MSE A 334 -6.68 4.14 -14.57
HA MSE A 334 -6.18 1.59 -14.26
HB2 MSE A 334 -8.04 3.08 -12.77
HB3 MSE A 334 -7.49 1.66 -12.36
HG2 MSE A 334 -5.99 4.03 -12.39
HG3 MSE A 334 -6.45 3.24 -11.08
HE1 MSE A 334 -4.17 0.05 -10.72
HE2 MSE A 334 -5.14 1.02 -9.91
HE3 MSE A 334 -5.71 0.16 -11.12
N ASN A 335 -9.08 2.28 -15.40
CA ASN A 335 -10.26 1.69 -16.03
C ASN A 335 -9.90 0.99 -17.33
N LEU A 336 -8.95 1.54 -18.06
CA LEU A 336 -8.46 0.86 -19.26
C LEU A 336 -7.79 -0.46 -18.93
N LEU A 337 -7.04 -0.46 -17.84
CA LEU A 337 -6.32 -1.62 -17.37
C LEU A 337 -7.28 -2.76 -17.09
N LYS A 338 -8.46 -2.40 -16.59
CA LYS A 338 -9.42 -3.39 -16.14
C LYS A 338 -10.03 -4.11 -17.30
N LEU A 339 -9.87 -3.55 -18.49
CA LEU A 339 -10.54 -4.08 -19.68
C LEU A 339 -9.56 -4.82 -20.60
N VAL A 340 -8.31 -4.90 -20.18
CA VAL A 340 -7.31 -5.62 -20.97
C VAL A 340 -7.30 -7.08 -20.59
N ASP A 341 -7.29 -7.95 -21.60
CA ASP A 341 -7.07 -9.36 -21.34
C ASP A 341 -5.58 -9.64 -21.21
N PHE A 342 -5.10 -9.78 -19.98
CA PHE A 342 -3.67 -9.94 -19.78
C PHE A 342 -3.15 -11.33 -20.05
N SER A 343 -4.01 -12.22 -20.53
CA SER A 343 -3.54 -13.47 -21.13
C SER A 343 -3.20 -13.35 -22.64
N ASP A 344 -3.41 -12.16 -23.20
CA ASP A 344 -3.36 -11.90 -24.66
C ASP A 344 -2.27 -10.90 -24.98
N ARG A 345 -1.14 -11.36 -25.51
CA ARG A 345 -0.03 -10.46 -25.76
C ARG A 345 -0.42 -9.29 -26.64
N VAL A 346 -1.33 -9.53 -27.58
CA VAL A 346 -1.79 -8.46 -28.46
C VAL A 346 -2.42 -7.33 -27.66
N GLU A 347 -3.26 -7.66 -26.71
CA GLU A 347 -3.99 -6.65 -25.95
C GLU A 347 -3.07 -5.93 -24.99
N VAL A 348 -2.13 -6.66 -24.40
CA VAL A 348 -1.15 -6.05 -23.50
C VAL A 348 -0.22 -5.11 -24.29
N SER A 349 0.27 -5.59 -25.44
CA SER A 349 1.15 -4.75 -26.25
C SER A 349 0.44 -3.48 -26.73
N ASN A 350 -0.83 -3.62 -27.08
CA ASN A 350 -1.66 -2.48 -27.47
C ASN A 350 -1.87 -1.50 -26.34
N PHE A 351 -2.14 -2.04 -25.15
CA PHE A 351 -2.34 -1.19 -23.99
C PHE A 351 -1.08 -0.36 -23.75
N VAL A 352 0.07 -1.01 -23.86
CA VAL A 352 1.34 -0.35 -23.58
C VAL A 352 1.65 0.70 -24.64
N SER A 353 1.40 0.40 -25.91
CA SER A 353 1.70 1.36 -26.98
C SER A 353 0.82 2.59 -26.83
N ASN A 354 -0.44 2.38 -26.47
CA ASN A 354 -1.36 3.48 -26.23
C ASN A 354 -0.90 4.39 -25.08
N TYR A 355 -0.39 3.81 -24.00
CA TYR A 355 0.10 4.65 -22.91
C TYR A 355 1.28 5.51 -23.40
N ARG A 356 2.14 4.94 -24.24
CA ARG A 356 3.21 5.71 -24.86
C ARG A 356 2.68 6.71 -25.90
C1 ACM B . -8.12 10.70 -4.17
O ACM B . -8.89 9.79 -3.95
N ACM B . -8.24 12.08 -3.82
C2 ACM B . -6.84 10.37 -4.71
HN1 ACM B . -9.02 12.39 -3.46
HN2 ACM B . -7.57 12.66 -4.02
H21 ACM B . -6.72 10.81 -5.58
H22 ACM B . -6.78 9.40 -4.83
H23 ACM B . -6.14 10.66 -4.10
C1 ACM C . -9.62 7.36 1.03
O ACM C . -9.51 7.15 2.24
N ACM C . -10.74 7.90 0.42
C2 ACM C . -8.48 7.06 0.15
HN1 ACM C . -11.47 8.10 0.92
HN2 ACM C . -10.75 8.03 -0.48
H21 ACM C . -8.20 7.88 -0.31
H22 ACM C . -8.75 6.39 -0.52
H23 ACM C . -7.74 6.72 0.67
#